data_6M2B
#
_entry.id   6M2B
#
_cell.length_a   91.040
_cell.length_b   91.040
_cell.length_c   122.180
_cell.angle_alpha   90.000
_cell.angle_beta   90.000
_cell.angle_gamma   120.000
#
_symmetry.space_group_name_H-M   'P 32 2 1'
#
loop_
_entity.id
_entity.type
_entity.pdbx_description
1 polymer 'Dihydroorotate dehydrogenase (quinone), mitochondrial'
2 non-polymer 'FLAVIN MONONUCLEOTIDE'
3 non-polymer 'OROTIC ACID'
4 non-polymer '2-[(E)-[[4-(2-chlorophenyl)-1,3-thiazol-2-yl]-methyl-hydrazinylidene]methyl]benzoic acid'
5 water water
#
_entity_poly.entity_id   1
_entity_poly.type   'polypeptide(L)'
_entity_poly.pdbx_seq_one_letter_code
;MGHHHHHHHHHHSSGHIDDDDKHMATGDERFYAEHLMPTLQGLLDPESAHRLAVRFTSLGLLPRARFQDSDMLEVRVLGH
KFRNPVGIAAGFDKHGEAVDGLYKMGFGFVEIGSVTPKPQEGNPRPRVFRLPEDQAVINRYGFNSHGLSVVEHRLRARQQ
KQAKLTEDGLPLGVNLGKNKTSVDAAEDYAEGVRVLGPLADYLVVNVSSPNTAGLRSLQGKAELRRLLTKVLQERDGLRR
VHRPAVLVKIAPDLTSQDKEDIASVVKELGIDGLIVTNTTVSRPAGLQGALRSETGGLSGKPLRDLSTQTIREMYALTQG
RVPIIGVGGVSSGQDALEKIRAGASLVQLYTALTFWGPPVVGKVKRELEALLKEQGFGGVTDAIGADHRR
;
_entity_poly.pdbx_strand_id   A
#
loop_
_chem_comp.id
_chem_comp.type
_chem_comp.name
_chem_comp.formula
EZO non-polymer '2-[(E)-[[4-(2-chlorophenyl)-1,3-thiazol-2-yl]-methyl-hydrazinylidene]methyl]benzoic acid' 'C18 H14 Cl N3 O2 S'
FMN non-polymer 'FLAVIN MONONUCLEOTIDE' 'C17 H21 N4 O9 P'
ORO non-polymer 'OROTIC ACID' 'C5 H4 N2 O4'
#
# COMPACT_ATOMS: atom_id res chain seq x y z
N THR A 26 -5.61 -22.55 -9.71
CA THR A 26 -4.45 -23.42 -9.36
C THR A 26 -3.64 -23.68 -10.64
N GLY A 27 -4.34 -24.00 -11.73
CA GLY A 27 -3.76 -24.14 -13.09
C GLY A 27 -3.08 -22.86 -13.51
N ASP A 28 -3.78 -21.72 -13.49
CA ASP A 28 -3.11 -20.49 -13.97
C ASP A 28 -2.19 -19.98 -12.85
N GLU A 29 -2.39 -20.33 -11.56
CA GLU A 29 -1.40 -19.97 -10.50
C GLU A 29 -0.03 -20.55 -10.90
N ARG A 30 0.00 -21.84 -11.23
CA ARG A 30 1.26 -22.51 -11.63
C ARG A 30 1.76 -21.96 -12.97
N PHE A 31 0.88 -21.75 -13.94
CA PHE A 31 1.28 -21.27 -15.28
C PHE A 31 1.94 -19.89 -15.15
N TYR A 32 1.35 -19.00 -14.35
CA TYR A 32 1.87 -17.63 -14.18
C TYR A 32 3.23 -17.68 -13.47
N ALA A 33 3.32 -18.45 -12.40
CA ALA A 33 4.49 -18.48 -11.49
C ALA A 33 5.66 -19.18 -12.17
N GLU A 34 5.39 -20.24 -12.92
CA GLU A 34 6.46 -21.13 -13.44
C GLU A 34 6.83 -20.74 -14.87
N HIS A 35 5.90 -20.21 -15.68
CA HIS A 35 6.12 -19.95 -17.12
C HIS A 35 5.96 -18.48 -17.50
N LEU A 36 4.79 -17.88 -17.30
CA LEU A 36 4.53 -16.55 -17.90
CA LEU A 36 4.51 -16.55 -17.88
C LEU A 36 5.41 -15.47 -17.23
N MET A 37 5.42 -15.37 -15.90
CA MET A 37 6.19 -14.27 -15.28
C MET A 37 7.68 -14.44 -15.54
N PRO A 38 8.29 -15.62 -15.40
CA PRO A 38 9.71 -15.77 -15.69
C PRO A 38 10.02 -15.40 -17.15
N THR A 39 9.12 -15.70 -18.08
CA THR A 39 9.26 -15.34 -19.52
C THR A 39 9.19 -13.82 -19.72
N LEU A 40 8.20 -13.14 -19.16
CA LEU A 40 8.13 -11.65 -19.17
C LEU A 40 9.42 -11.05 -18.59
N GLN A 41 9.94 -11.56 -17.48
CA GLN A 41 11.13 -10.96 -16.82
C GLN A 41 12.37 -11.18 -17.70
N GLY A 42 12.44 -12.29 -18.44
CA GLY A 42 13.50 -12.51 -19.44
C GLY A 42 13.44 -11.52 -20.60
N LEU A 43 12.26 -11.03 -20.99
CA LEU A 43 12.04 -10.20 -22.20
C LEU A 43 12.09 -8.70 -21.86
N LEU A 44 11.68 -8.31 -20.65
CA LEU A 44 11.45 -6.87 -20.31
C LEU A 44 12.20 -6.49 -19.04
N ASP A 45 12.87 -5.35 -19.05
CA ASP A 45 13.45 -4.74 -17.83
C ASP A 45 12.27 -4.43 -16.90
N PRO A 46 12.53 -4.27 -15.58
CA PRO A 46 11.44 -4.11 -14.62
C PRO A 46 10.51 -2.91 -14.89
N GLU A 47 11.06 -1.72 -15.16
CA GLU A 47 10.17 -0.55 -15.41
C GLU A 47 9.34 -0.77 -16.69
N SER A 48 9.91 -1.32 -17.77
CA SER A 48 9.12 -1.64 -18.98
C SER A 48 7.99 -2.59 -18.63
N ALA A 49 8.27 -3.64 -17.85
CA ALA A 49 7.30 -4.66 -17.45
C ALA A 49 6.21 -4.00 -16.59
N HIS A 50 6.59 -3.12 -15.67
CA HIS A 50 5.64 -2.36 -14.83
C HIS A 50 4.68 -1.56 -15.73
N ARG A 51 5.24 -0.81 -16.67
CA ARG A 51 4.43 0.03 -17.60
C ARG A 51 3.45 -0.86 -18.37
N LEU A 52 3.90 -2.00 -18.89
CA LEU A 52 3.05 -2.91 -19.69
C LEU A 52 1.96 -3.49 -18.79
N ALA A 53 2.30 -3.84 -17.54
CA ALA A 53 1.34 -4.37 -16.57
C ALA A 53 0.24 -3.33 -16.31
N VAL A 54 0.59 -2.07 -16.10
CA VAL A 54 -0.42 -0.99 -15.92
C VAL A 54 -1.31 -0.91 -17.17
N ARG A 55 -0.74 -0.99 -18.36
CA ARG A 55 -1.54 -0.90 -19.62
C ARG A 55 -2.51 -2.09 -19.68
N PHE A 56 -2.03 -3.31 -19.46
CA PHE A 56 -2.88 -4.53 -19.53
C PHE A 56 -4.00 -4.41 -18.50
N THR A 57 -3.65 -3.95 -17.30
CA THR A 57 -4.63 -3.88 -16.19
C THR A 57 -5.68 -2.84 -16.57
N SER A 58 -5.25 -1.70 -17.08
CA SER A 58 -6.15 -0.57 -17.44
C SER A 58 -7.17 -1.02 -18.49
N LEU A 59 -6.82 -2.00 -19.34
CA LEU A 59 -7.72 -2.56 -20.39
C LEU A 59 -8.53 -3.75 -19.88
N GLY A 60 -8.34 -4.21 -18.64
CA GLY A 60 -9.04 -5.40 -18.11
C GLY A 60 -8.57 -6.69 -18.75
N LEU A 61 -7.36 -6.74 -19.34
CA LEU A 61 -6.82 -7.96 -19.97
C LEU A 61 -6.14 -8.81 -18.90
N LEU A 62 -6.94 -9.58 -18.17
CA LEU A 62 -6.54 -10.29 -16.93
C LEU A 62 -7.02 -11.72 -16.96
N PRO A 63 -6.34 -12.66 -16.25
CA PRO A 63 -6.89 -13.99 -16.08
C PRO A 63 -8.16 -13.91 -15.22
N ARG A 64 -9.03 -14.92 -15.35
CA ARG A 64 -10.27 -15.08 -14.56
C ARG A 64 -9.95 -15.00 -13.06
N ALA A 65 -10.49 -14.00 -12.35
CA ALA A 65 -10.44 -13.87 -10.88
C ALA A 65 -11.67 -14.58 -10.33
N ARG A 66 -11.64 -15.92 -10.38
CA ARG A 66 -12.82 -16.80 -10.18
C ARG A 66 -13.07 -17.07 -8.68
N PHE A 67 -12.10 -16.78 -7.81
CA PHE A 67 -12.28 -16.84 -6.33
C PHE A 67 -13.38 -15.86 -5.92
N GLN A 68 -14.46 -16.35 -5.29
CA GLN A 68 -15.62 -15.53 -4.84
C GLN A 68 -15.45 -15.21 -3.36
N ASP A 69 -15.50 -13.92 -3.00
CA ASP A 69 -15.17 -13.48 -1.62
C ASP A 69 -16.24 -14.03 -0.68
N SER A 70 -15.80 -14.81 0.30
CA SER A 70 -16.58 -15.32 1.46
C SER A 70 -16.92 -14.14 2.38
N ASP A 71 -18.05 -14.20 3.09
CA ASP A 71 -18.41 -13.29 4.20
C ASP A 71 -17.32 -13.28 5.28
N MET A 72 -16.57 -14.37 5.41
CA MET A 72 -15.47 -14.52 6.40
C MET A 72 -14.41 -13.43 6.16
N LEU A 73 -14.31 -12.94 4.92
CA LEU A 73 -13.18 -12.03 4.53
C LEU A 73 -13.60 -10.57 4.66
N GLU A 74 -14.88 -10.28 4.93
CA GLU A 74 -15.36 -8.88 5.01
C GLU A 74 -14.83 -8.24 6.29
N VAL A 75 -14.38 -6.99 6.18
CA VAL A 75 -13.89 -6.17 7.30
C VAL A 75 -14.53 -4.80 7.24
N ARG A 76 -14.97 -4.31 8.40
CA ARG A 76 -15.50 -2.93 8.55
C ARG A 76 -14.50 -2.13 9.34
N VAL A 77 -13.88 -1.15 8.69
CA VAL A 77 -12.89 -0.26 9.33
C VAL A 77 -12.84 1.05 8.53
N LEU A 78 -12.27 2.11 9.10
CA LEU A 78 -11.99 3.42 8.43
C LEU A 78 -13.30 4.01 7.86
N GLY A 79 -14.44 3.64 8.42
CA GLY A 79 -15.77 4.14 8.01
C GLY A 79 -16.31 3.43 6.77
N HIS A 80 -15.74 2.28 6.40
CA HIS A 80 -16.09 1.57 5.14
C HIS A 80 -16.19 0.05 5.35
N LYS A 81 -16.91 -0.58 4.43
CA LYS A 81 -16.93 -2.04 4.28
C LYS A 81 -15.87 -2.40 3.26
N PHE A 82 -15.03 -3.39 3.57
CA PHE A 82 -14.04 -3.95 2.63
C PHE A 82 -14.47 -5.39 2.37
N ARG A 83 -14.81 -5.70 1.13
CA ARG A 83 -15.28 -7.05 0.76
C ARG A 83 -14.24 -8.10 1.14
N ASN A 84 -12.97 -7.78 0.96
CA ASN A 84 -11.87 -8.69 1.38
C ASN A 84 -10.74 -7.78 1.85
N PRO A 85 -9.82 -8.31 2.67
CA PRO A 85 -8.83 -7.45 3.30
C PRO A 85 -7.52 -7.31 2.51
N VAL A 86 -7.48 -7.75 1.26
CA VAL A 86 -6.23 -7.76 0.45
C VAL A 86 -6.27 -6.62 -0.59
N GLY A 87 -5.46 -5.60 -0.36
CA GLY A 87 -5.36 -4.44 -1.23
C GLY A 87 -4.09 -4.43 -2.05
N ILE A 88 -4.11 -3.63 -3.10
CA ILE A 88 -2.90 -3.31 -3.89
C ILE A 88 -2.25 -2.09 -3.25
N ALA A 89 -0.99 -2.23 -2.86
CA ALA A 89 -0.21 -1.13 -2.27
C ALA A 89 0.05 0.01 -3.26
N ALA A 90 0.29 1.21 -2.74
CA ALA A 90 0.73 2.37 -3.51
C ALA A 90 1.97 2.01 -4.35
N GLY A 91 2.09 2.66 -5.50
CA GLY A 91 3.29 2.58 -6.33
C GLY A 91 3.12 1.70 -7.53
N PHE A 92 2.03 0.93 -7.60
CA PHE A 92 1.75 0.10 -8.80
C PHE A 92 0.99 0.99 -9.79
N ASP A 93 -0.14 1.52 -9.36
CA ASP A 93 -0.93 2.47 -10.18
C ASP A 93 -0.65 3.89 -9.64
N LYS A 94 0.48 4.48 -9.98
CA LYS A 94 0.90 5.77 -9.40
C LYS A 94 -0.08 6.88 -9.82
N HIS A 95 -0.68 6.75 -11.00
CA HIS A 95 -1.35 7.92 -11.63
C HIS A 95 -2.85 7.63 -11.82
N GLY A 96 -3.39 6.59 -11.19
CA GLY A 96 -4.84 6.30 -11.18
C GLY A 96 -5.36 5.86 -12.54
N GLU A 97 -4.57 5.09 -13.29
CA GLU A 97 -4.90 4.66 -14.68
C GLU A 97 -5.57 3.29 -14.71
N ALA A 98 -5.50 2.50 -13.64
CA ALA A 98 -5.79 1.04 -13.71
C ALA A 98 -6.72 0.63 -12.58
N VAL A 99 -7.46 1.56 -11.99
CA VAL A 99 -8.23 1.27 -10.76
C VAL A 99 -9.24 0.15 -11.02
N ASP A 100 -10.04 0.27 -12.09
CA ASP A 100 -11.10 -0.72 -12.37
C ASP A 100 -10.48 -2.10 -12.61
N GLY A 101 -9.39 -2.16 -13.37
CA GLY A 101 -8.67 -3.41 -13.64
C GLY A 101 -8.16 -4.04 -12.35
N LEU A 102 -7.74 -3.24 -11.38
CA LEU A 102 -7.25 -3.79 -10.09
C LEU A 102 -8.40 -4.39 -9.29
N TYR A 103 -9.60 -3.81 -9.31
CA TYR A 103 -10.76 -4.46 -8.65
C TYR A 103 -11.08 -5.78 -9.38
N LYS A 104 -10.96 -5.78 -10.70
CA LYS A 104 -11.26 -7.00 -11.49
C LYS A 104 -10.26 -8.10 -11.11
N MET A 105 -9.04 -7.73 -10.72
CA MET A 105 -8.01 -8.71 -10.29
C MET A 105 -8.42 -9.36 -8.95
N GLY A 106 -9.32 -8.77 -8.17
CA GLY A 106 -9.83 -9.38 -6.93
C GLY A 106 -9.34 -8.65 -5.70
N PHE A 107 -8.65 -7.51 -5.84
CA PHE A 107 -8.27 -6.70 -4.65
C PHE A 107 -9.53 -6.17 -3.98
N GLY A 108 -9.58 -6.20 -2.65
CA GLY A 108 -10.68 -5.65 -1.84
C GLY A 108 -10.65 -4.13 -1.81
N PHE A 109 -9.51 -3.52 -2.11
CA PHE A 109 -9.35 -2.06 -2.06
C PHE A 109 -8.12 -1.72 -2.89
N VAL A 110 -8.12 -0.52 -3.42
CA VAL A 110 -7.04 -0.04 -4.33
C VAL A 110 -6.48 1.22 -3.72
N GLU A 111 -5.17 1.33 -3.69
CA GLU A 111 -4.48 2.58 -3.30
C GLU A 111 -3.68 3.05 -4.50
N ILE A 112 -3.96 4.25 -4.97
CA ILE A 112 -3.19 4.87 -6.08
C ILE A 112 -2.19 5.85 -5.49
N GLY A 113 -1.23 6.22 -6.32
CA GLY A 113 -0.18 7.17 -5.94
C GLY A 113 1.14 6.45 -5.69
N SER A 114 2.11 7.18 -5.13
CA SER A 114 2.00 8.54 -4.60
C SER A 114 1.83 9.59 -5.70
N VAL A 115 0.98 10.57 -5.42
CA VAL A 115 0.72 11.70 -6.35
C VAL A 115 1.34 12.96 -5.76
N THR A 116 2.11 13.71 -6.55
CA THR A 116 2.73 14.99 -6.13
C THR A 116 1.91 16.15 -6.68
N PRO A 117 1.98 17.33 -6.06
CA PRO A 117 1.18 18.48 -6.54
C PRO A 117 1.43 18.80 -8.01
N LYS A 118 2.66 19.07 -8.34
CA LYS A 118 3.03 19.33 -9.75
C LYS A 118 3.50 18.02 -10.36
N PRO A 119 3.36 17.86 -11.70
CA PRO A 119 3.99 16.75 -12.41
C PRO A 119 5.50 16.76 -12.16
N GLN A 120 6.10 15.57 -12.05
CA GLN A 120 7.58 15.47 -12.00
C GLN A 120 8.01 14.11 -12.52
N GLU A 121 9.23 14.08 -13.04
CA GLU A 121 9.74 12.95 -13.84
C GLU A 121 10.21 11.82 -12.92
N GLY A 122 10.64 12.15 -11.71
CA GLY A 122 11.36 11.22 -10.84
C GLY A 122 12.81 11.03 -11.24
N ASN A 123 13.43 9.98 -10.72
CA ASN A 123 14.87 9.71 -10.94
C ASN A 123 15.14 9.27 -12.38
N PRO A 124 16.39 9.42 -12.83
CA PRO A 124 16.85 8.85 -14.10
C PRO A 124 16.75 7.32 -14.12
N ARG A 125 16.54 6.72 -15.30
CA ARG A 125 16.45 5.25 -15.52
C ARG A 125 17.85 4.71 -15.75
N PRO A 126 18.20 3.48 -15.30
CA PRO A 126 17.27 2.59 -14.61
C PRO A 126 17.09 2.97 -13.12
N ARG A 127 15.89 2.68 -12.62
CA ARG A 127 15.48 3.05 -11.24
C ARG A 127 14.62 1.94 -10.62
N VAL A 128 14.55 0.77 -11.21
CA VAL A 128 13.83 -0.40 -10.64
C VAL A 128 14.69 -1.62 -10.92
N PHE A 129 14.90 -2.45 -9.92
CA PHE A 129 15.89 -3.55 -9.96
C PHE A 129 15.27 -4.79 -9.37
N ARG A 130 15.36 -5.91 -10.07
CA ARG A 130 14.89 -7.22 -9.56
C ARG A 130 15.98 -7.96 -8.80
N LEU A 131 15.60 -8.59 -7.71
CA LEU A 131 16.46 -9.51 -6.90
C LEU A 131 15.75 -10.84 -6.90
N PRO A 132 15.80 -11.59 -8.02
CA PRO A 132 15.02 -12.82 -8.13
C PRO A 132 15.35 -13.86 -7.04
N GLU A 133 16.62 -13.97 -6.71
CA GLU A 133 17.10 -14.99 -5.74
C GLU A 133 16.55 -14.65 -4.34
N ASP A 134 16.10 -13.40 -4.14
CA ASP A 134 15.57 -12.92 -2.82
C ASP A 134 14.06 -12.73 -2.85
N GLN A 135 13.39 -12.93 -4.01
CA GLN A 135 11.95 -12.61 -4.16
C GLN A 135 11.74 -11.16 -3.72
N ALA A 136 12.63 -10.27 -4.16
CA ALA A 136 12.63 -8.87 -3.73
C ALA A 136 12.77 -7.96 -4.94
N VAL A 137 12.46 -6.69 -4.73
CA VAL A 137 12.71 -5.59 -5.69
C VAL A 137 13.39 -4.46 -4.93
N ILE A 138 14.25 -3.70 -5.61
CA ILE A 138 14.71 -2.39 -5.10
C ILE A 138 14.22 -1.33 -6.08
N ASN A 139 13.61 -0.27 -5.58
CA ASN A 139 13.20 0.83 -6.48
C ASN A 139 13.72 2.17 -5.95
N ARG A 140 14.01 3.07 -6.89
CA ARG A 140 14.26 4.48 -6.57
C ARG A 140 13.53 5.32 -7.62
N TYR A 141 12.23 5.08 -7.77
CA TYR A 141 11.43 5.85 -8.76
C TYR A 141 11.54 7.35 -8.51
N GLY A 142 11.52 7.77 -7.25
CA GLY A 142 11.62 9.18 -6.87
C GLY A 142 10.33 9.94 -7.13
N PHE A 143 9.22 9.33 -6.77
CA PHE A 143 7.91 9.97 -7.00
CA PHE A 143 7.90 9.99 -6.98
C PHE A 143 7.55 10.58 -8.39
N ASN A 144 7.89 9.77 -9.40
CA ASN A 144 7.42 10.08 -10.77
C ASN A 144 5.91 10.23 -10.69
N SER A 145 5.37 11.35 -11.11
CA SER A 145 3.93 11.59 -10.92
C SER A 145 3.38 12.47 -12.07
N HIS A 146 2.19 12.12 -12.57
CA HIS A 146 1.39 12.95 -13.50
C HIS A 146 0.95 14.25 -12.82
N GLY A 147 0.97 14.30 -11.48
CA GLY A 147 0.57 15.48 -10.71
C GLY A 147 -0.93 15.49 -10.40
N LEU A 148 -1.32 16.31 -9.43
CA LEU A 148 -2.68 16.30 -8.87
C LEU A 148 -3.73 16.61 -9.95
N SER A 149 -3.49 17.58 -10.84
CA SER A 149 -4.53 18.01 -11.81
CA SER A 149 -4.56 18.00 -11.78
C SER A 149 -4.92 16.83 -12.71
N VAL A 150 -3.91 16.17 -13.26
CA VAL A 150 -4.15 15.04 -14.17
C VAL A 150 -4.90 13.94 -13.44
N VAL A 151 -4.45 13.58 -12.22
CA VAL A 151 -5.08 12.47 -11.48
C VAL A 151 -6.50 12.88 -11.09
N GLU A 152 -6.72 14.13 -10.67
CA GLU A 152 -8.06 14.68 -10.32
C GLU A 152 -9.03 14.43 -11.47
N HIS A 153 -8.64 14.81 -12.68
CA HIS A 153 -9.53 14.69 -13.86
C HIS A 153 -9.75 13.21 -14.21
N ARG A 154 -8.74 12.36 -14.06
CA ARG A 154 -8.88 10.90 -14.28
C ARG A 154 -9.87 10.28 -13.28
N LEU A 155 -9.80 10.64 -12.00
CA LEU A 155 -10.76 10.10 -11.01
C LEU A 155 -12.13 10.72 -11.21
N ARG A 156 -12.21 12.00 -11.59
CA ARG A 156 -13.53 12.64 -11.83
C ARG A 156 -14.30 11.88 -12.93
N ALA A 157 -13.59 11.36 -13.93
CA ALA A 157 -14.24 10.71 -15.10
C ALA A 157 -14.95 9.42 -14.67
N ARG A 158 -14.58 8.85 -13.52
CA ARG A 158 -15.15 7.57 -13.01
C ARG A 158 -15.66 7.74 -11.58
N GLN A 159 -15.97 8.97 -11.17
CA GLN A 159 -16.30 9.27 -9.75
C GLN A 159 -17.55 8.49 -9.33
N GLN A 160 -18.59 8.43 -10.18
CA GLN A 160 -19.84 7.76 -9.73
C GLN A 160 -19.66 6.26 -9.78
N LYS A 161 -18.87 5.79 -10.74
CA LYS A 161 -18.57 4.35 -10.79
C LYS A 161 -17.86 3.99 -9.48
N GLN A 162 -16.90 4.81 -9.05
CA GLN A 162 -16.20 4.57 -7.74
C GLN A 162 -17.19 4.65 -6.58
N ALA A 163 -18.14 5.60 -6.56
CA ALA A 163 -19.10 5.68 -5.44
C ALA A 163 -19.84 4.35 -5.31
N LYS A 164 -20.24 3.74 -6.42
CA LYS A 164 -20.97 2.44 -6.38
C LYS A 164 -20.01 1.33 -5.93
N LEU A 165 -18.76 1.35 -6.37
CA LEU A 165 -17.77 0.33 -5.94
C LEU A 165 -17.58 0.42 -4.42
N THR A 166 -17.37 1.63 -3.93
CA THR A 166 -17.19 1.89 -2.47
C THR A 166 -18.41 1.36 -1.72
N GLU A 167 -19.61 1.67 -2.19
CA GLU A 167 -20.84 1.23 -1.49
C GLU A 167 -20.89 -0.30 -1.48
N ASP A 168 -20.38 -0.95 -2.52
N ASP A 168 -20.37 -0.95 -2.52
CA ASP A 168 -20.35 -2.42 -2.67
CA ASP A 168 -20.36 -2.42 -2.67
C ASP A 168 -19.09 -3.02 -2.04
C ASP A 168 -19.23 -3.06 -1.86
N GLY A 169 -18.40 -2.27 -1.17
CA GLY A 169 -17.29 -2.80 -0.34
C GLY A 169 -15.95 -2.79 -1.03
N LEU A 170 -15.73 -1.87 -1.99
CA LEU A 170 -14.48 -1.80 -2.76
C LEU A 170 -13.94 -0.38 -2.72
N PRO A 171 -13.38 0.05 -1.56
CA PRO A 171 -12.92 1.41 -1.36
C PRO A 171 -11.63 1.75 -2.13
N LEU A 172 -11.43 3.06 -2.29
CA LEU A 172 -10.28 3.70 -2.99
C LEU A 172 -9.47 4.55 -2.01
N GLY A 173 -8.17 4.30 -1.98
CA GLY A 173 -7.23 5.15 -1.27
C GLY A 173 -6.38 5.94 -2.24
N VAL A 174 -5.96 7.10 -1.79
CA VAL A 174 -5.02 7.96 -2.53
C VAL A 174 -3.84 8.32 -1.63
N ASN A 175 -2.66 8.00 -2.11
CA ASN A 175 -1.38 8.25 -1.40
C ASN A 175 -0.78 9.55 -1.93
N LEU A 176 -0.58 10.51 -1.03
CA LEU A 176 -0.12 11.88 -1.39
C LEU A 176 1.38 12.04 -1.14
N GLY A 177 2.11 12.51 -2.13
CA GLY A 177 3.53 12.81 -1.98
C GLY A 177 3.82 14.29 -2.06
N LYS A 178 5.09 14.63 -2.09
CA LYS A 178 5.52 16.03 -2.20
C LYS A 178 6.55 16.14 -3.33
N ASN A 179 6.59 17.29 -3.95
CA ASN A 179 7.51 17.53 -5.06
C ASN A 179 8.93 17.60 -4.50
N LYS A 180 9.88 17.20 -5.31
CA LYS A 180 11.33 17.20 -4.98
C LYS A 180 11.76 18.62 -4.56
N THR A 181 11.33 19.66 -5.25
CA THR A 181 11.86 21.03 -5.02
C THR A 181 10.90 21.86 -4.16
N SER A 182 9.91 21.25 -3.51
CA SER A 182 8.93 22.04 -2.71
C SER A 182 9.65 22.65 -1.50
N VAL A 183 9.28 23.88 -1.14
CA VAL A 183 9.91 24.71 -0.07
C VAL A 183 9.06 24.62 1.20
N ASP A 184 7.98 23.82 1.16
CA ASP A 184 6.97 23.70 2.25
C ASP A 184 6.25 22.35 2.08
N ALA A 185 6.78 21.30 2.71
CA ALA A 185 6.23 19.92 2.65
C ALA A 185 4.76 19.93 3.07
N ALA A 186 4.44 20.57 4.19
CA ALA A 186 3.06 20.58 4.72
C ALA A 186 2.12 21.14 3.67
N GLU A 187 2.52 22.19 2.94
CA GLU A 187 1.61 22.79 1.95
C GLU A 187 1.39 21.80 0.78
N ASP A 188 2.41 21.06 0.36
CA ASP A 188 2.25 20.03 -0.70
C ASP A 188 1.18 19.05 -0.25
N TYR A 189 1.28 18.49 0.97
CA TYR A 189 0.26 17.52 1.44
C TYR A 189 -1.12 18.19 1.52
N ALA A 190 -1.18 19.42 2.02
CA ALA A 190 -2.46 20.18 2.16
C ALA A 190 -3.11 20.31 0.78
N GLU A 191 -2.33 20.63 -0.25
CA GLU A 191 -2.83 20.74 -1.66
CA GLU A 191 -2.76 20.80 -1.63
C GLU A 191 -3.43 19.40 -2.10
N GLY A 192 -2.79 18.28 -1.78
CA GLY A 192 -3.29 16.96 -2.12
C GLY A 192 -4.59 16.65 -1.42
N VAL A 193 -4.71 17.05 -0.15
CA VAL A 193 -5.96 16.82 0.61
C VAL A 193 -7.08 17.59 -0.10
N ARG A 194 -6.80 18.83 -0.45
CA ARG A 194 -7.83 19.70 -1.09
C ARG A 194 -8.25 19.15 -2.45
N VAL A 195 -7.32 18.66 -3.24
CA VAL A 195 -7.59 18.31 -4.66
C VAL A 195 -8.12 16.86 -4.76
N LEU A 196 -7.50 15.90 -4.08
CA LEU A 196 -7.88 14.49 -4.23
C LEU A 196 -8.68 13.98 -3.04
N GLY A 197 -8.64 14.66 -1.89
CA GLY A 197 -9.43 14.22 -0.74
C GLY A 197 -10.89 13.95 -1.08
N PRO A 198 -11.53 14.86 -1.86
CA PRO A 198 -12.94 14.70 -2.22
C PRO A 198 -13.25 13.51 -3.11
N LEU A 199 -12.21 12.88 -3.66
CA LEU A 199 -12.37 11.73 -4.59
C LEU A 199 -11.92 10.43 -3.92
N ALA A 200 -11.52 10.47 -2.66
CA ALA A 200 -10.86 9.31 -2.01
C ALA A 200 -11.69 8.84 -0.83
N ASP A 201 -11.70 7.54 -0.55
CA ASP A 201 -12.24 7.01 0.74
C ASP A 201 -11.23 7.23 1.87
N TYR A 202 -9.93 7.11 1.56
CA TYR A 202 -8.86 7.44 2.52
C TYR A 202 -7.71 8.05 1.77
N LEU A 203 -6.99 8.90 2.49
CA LEU A 203 -5.75 9.54 2.04
C LEU A 203 -4.60 8.96 2.85
N VAL A 204 -3.43 8.94 2.25
CA VAL A 204 -2.19 8.50 2.94
C VAL A 204 -1.15 9.59 2.84
N VAL A 205 -0.62 9.97 3.99
CA VAL A 205 0.53 10.87 4.11
C VAL A 205 1.70 9.95 4.29
N ASN A 206 2.46 9.93 3.20
CA ASN A 206 3.61 9.08 2.99
C ASN A 206 4.77 9.98 3.36
N VAL A 207 5.14 9.95 4.65
CA VAL A 207 6.40 10.54 5.16
C VAL A 207 7.50 9.46 5.22
N SER A 208 7.48 8.43 4.34
CA SER A 208 8.37 7.24 4.46
C SER A 208 8.98 6.77 3.13
N SER A 209 8.78 7.47 1.99
CA SER A 209 9.63 7.11 0.81
C SER A 209 11.10 7.27 1.17
N PRO A 210 11.93 6.26 0.83
CA PRO A 210 13.39 6.41 0.95
C PRO A 210 14.04 7.25 -0.17
N ASN A 211 13.24 7.71 -1.15
CA ASN A 211 13.72 8.19 -2.48
C ASN A 211 13.41 9.68 -2.70
N THR A 212 13.03 10.44 -1.66
CA THR A 212 13.05 11.93 -1.68
C THR A 212 13.83 12.39 -0.43
N ALA A 213 14.92 13.13 -0.65
CA ALA A 213 15.82 13.66 0.42
C ALA A 213 14.98 14.44 1.44
N GLY A 214 15.15 14.15 2.74
CA GLY A 214 14.48 14.86 3.85
C GLY A 214 13.11 14.29 4.22
N LEU A 215 12.42 13.57 3.31
CA LEU A 215 10.99 13.18 3.48
C LEU A 215 10.77 12.46 4.81
N ARG A 216 11.62 11.48 5.15
CA ARG A 216 11.43 10.56 6.31
C ARG A 216 11.61 11.30 7.64
N SER A 217 12.35 12.42 7.66
CA SER A 217 12.55 13.31 8.85
C SER A 217 11.24 14.05 9.18
N LEU A 218 10.23 14.01 8.30
CA LEU A 218 8.84 14.45 8.63
C LEU A 218 8.21 13.45 9.62
N GLN A 219 8.90 12.35 9.95
CA GLN A 219 8.47 11.31 10.94
C GLN A 219 8.84 11.69 12.40
N GLY A 220 9.72 12.67 12.66
CA GLY A 220 10.02 13.18 14.03
C GLY A 220 8.88 14.03 14.59
N LYS A 221 8.93 14.50 15.86
CA LYS A 221 7.72 14.78 16.70
C LYS A 221 7.04 16.16 16.52
N ALA A 222 7.61 17.27 16.99
CA ALA A 222 6.91 18.59 17.02
C ALA A 222 6.57 19.03 15.59
N GLU A 223 7.45 18.70 14.65
CA GLU A 223 7.29 18.94 13.20
C GLU A 223 6.25 17.97 12.63
N LEU A 224 6.24 16.69 13.03
CA LEU A 224 5.21 15.72 12.57
C LEU A 224 3.83 16.20 13.08
N ARG A 225 3.77 16.66 14.33
CA ARG A 225 2.51 17.18 14.91
C ARG A 225 2.04 18.37 14.07
N ARG A 226 2.95 19.28 13.70
CA ARG A 226 2.61 20.50 12.92
C ARG A 226 2.09 20.09 11.54
N LEU A 227 2.78 19.17 10.88
CA LEU A 227 2.42 18.64 9.54
C LEU A 227 1.03 17.98 9.60
N LEU A 228 0.83 17.05 10.53
CA LEU A 228 -0.44 16.27 10.57
C LEU A 228 -1.58 17.17 11.03
N THR A 229 -1.32 18.16 11.91
CA THR A 229 -2.37 19.14 12.31
C THR A 229 -2.90 19.87 11.07
N LYS A 230 -2.00 20.32 10.20
CA LYS A 230 -2.37 21.04 8.96
C LYS A 230 -3.16 20.11 8.02
N VAL A 231 -2.69 18.88 7.87
CA VAL A 231 -3.40 17.89 6.99
C VAL A 231 -4.80 17.63 7.51
N LEU A 232 -4.97 17.38 8.82
CA LEU A 232 -6.30 17.09 9.38
C LEU A 232 -7.20 18.33 9.28
N GLN A 233 -6.65 19.52 9.47
CA GLN A 233 -7.47 20.74 9.35
C GLN A 233 -8.04 20.83 7.91
N GLU A 234 -7.19 20.67 6.91
CA GLU A 234 -7.62 20.69 5.48
C GLU A 234 -8.67 19.60 5.22
N ARG A 235 -8.49 18.39 5.75
CA ARG A 235 -9.48 17.31 5.60
C ARG A 235 -10.82 17.66 6.25
N ASP A 236 -10.78 18.21 7.46
CA ASP A 236 -11.99 18.55 8.24
C ASP A 236 -12.73 19.70 7.53
N GLY A 237 -12.04 20.47 6.69
CA GLY A 237 -12.62 21.58 5.89
C GLY A 237 -13.37 21.07 4.65
N LEU A 238 -13.34 19.78 4.34
CA LEU A 238 -14.10 19.24 3.17
C LEU A 238 -15.52 18.93 3.61
N ARG A 239 -16.44 19.02 2.66
CA ARG A 239 -17.86 18.67 2.89
C ARG A 239 -17.98 17.19 3.32
N ARG A 240 -18.93 16.92 4.22
CA ARG A 240 -19.06 15.59 4.93
C ARG A 240 -18.98 14.40 3.96
N VAL A 241 -19.73 14.39 2.84
CA VAL A 241 -19.77 13.23 1.91
C VAL A 241 -18.43 13.11 1.17
N HIS A 242 -17.59 14.13 1.22
CA HIS A 242 -16.30 14.19 0.50
C HIS A 242 -15.13 14.15 1.48
N ARG A 243 -15.36 13.69 2.71
CA ARG A 243 -14.34 13.77 3.79
C ARG A 243 -13.70 12.40 3.99
N PRO A 244 -12.47 12.19 3.50
CA PRO A 244 -11.81 10.90 3.65
C PRO A 244 -11.16 10.68 5.02
N ALA A 245 -10.91 9.41 5.35
CA ALA A 245 -10.01 9.00 6.46
C ALA A 245 -8.60 9.44 6.09
N VAL A 246 -7.77 9.74 7.10
CA VAL A 246 -6.35 10.10 6.87
C VAL A 246 -5.48 9.08 7.60
N LEU A 247 -4.57 8.46 6.87
CA LEU A 247 -3.61 7.47 7.40
C LEU A 247 -2.19 7.99 7.21
N VAL A 248 -1.32 7.57 8.11
CA VAL A 248 0.13 7.89 8.00
C VAL A 248 0.83 6.58 7.62
N LYS A 249 1.67 6.64 6.60
CA LYS A 249 2.45 5.46 6.14
C LYS A 249 3.89 5.64 6.62
N ILE A 250 4.38 4.65 7.33
CA ILE A 250 5.71 4.72 7.96
C ILE A 250 6.63 3.67 7.35
N ALA A 251 7.90 3.98 7.48
CA ALA A 251 9.04 3.15 7.15
C ALA A 251 9.20 2.06 8.20
N PRO A 252 9.89 0.96 7.81
CA PRO A 252 10.28 -0.06 8.76
C PRO A 252 11.58 0.30 9.47
N ASP A 253 12.17 1.43 9.13
CA ASP A 253 13.57 1.80 9.52
C ASP A 253 13.58 2.78 10.69
N LEU A 254 12.47 2.91 11.38
CA LEU A 254 12.34 3.89 12.48
C LEU A 254 13.08 3.42 13.72
N THR A 255 13.59 4.37 14.50
CA THR A 255 14.08 4.07 15.88
C THR A 255 12.88 3.78 16.79
N SER A 256 13.12 3.15 17.94
CA SER A 256 12.13 3.01 19.03
C SER A 256 11.55 4.40 19.36
N GLN A 257 12.40 5.42 19.44
CA GLN A 257 11.98 6.81 19.80
C GLN A 257 11.02 7.34 18.73
N ASP A 258 11.35 7.12 17.46
CA ASP A 258 10.49 7.59 16.35
C ASP A 258 9.11 6.91 16.45
N LYS A 259 9.08 5.61 16.72
CA LYS A 259 7.81 4.84 16.78
C LYS A 259 6.97 5.31 17.96
N GLU A 260 7.69 5.68 19.16
CA GLU A 260 6.85 6.07 20.32
C GLU A 260 6.24 7.45 20.07
N ASP A 261 7.04 8.27 19.37
CA ASP A 261 6.65 9.65 19.00
C ASP A 261 5.48 9.62 18.01
N ILE A 262 5.56 8.77 16.98
CA ILE A 262 4.46 8.63 15.98
C ILE A 262 3.19 8.13 16.66
N ALA A 263 3.26 7.12 17.53
CA ALA A 263 2.09 6.57 18.22
C ALA A 263 1.45 7.68 19.06
N SER A 264 2.26 8.46 19.76
CA SER A 264 1.79 9.56 20.63
C SER A 264 1.04 10.61 19.79
N VAL A 265 1.64 11.05 18.69
CA VAL A 265 1.04 12.10 17.82
C VAL A 265 -0.23 11.56 17.17
N VAL A 266 -0.23 10.31 16.70
CA VAL A 266 -1.42 9.71 16.05
C VAL A 266 -2.59 9.69 17.02
N LYS A 267 -2.32 9.34 18.29
CA LYS A 267 -3.40 9.27 19.30
C LYS A 267 -3.87 10.68 19.67
N GLU A 268 -2.97 11.61 19.85
CA GLU A 268 -3.23 13.02 20.24
C GLU A 268 -4.12 13.70 19.16
N LEU A 269 -3.82 13.46 17.88
CA LEU A 269 -4.52 14.19 16.78
C LEU A 269 -5.73 13.44 16.25
N GLY A 270 -5.91 12.16 16.59
CA GLY A 270 -7.01 11.34 16.07
C GLY A 270 -6.80 10.99 14.61
N ILE A 271 -5.54 10.79 14.20
CA ILE A 271 -5.22 10.16 12.88
C ILE A 271 -6.01 8.86 12.77
N ASP A 272 -6.61 8.58 11.60
CA ASP A 272 -7.58 7.48 11.44
C ASP A 272 -6.89 6.13 11.35
N GLY A 273 -5.64 6.08 10.88
CA GLY A 273 -4.93 4.79 10.82
C GLY A 273 -3.49 4.92 10.38
N LEU A 274 -2.81 3.79 10.38
CA LEU A 274 -1.40 3.66 9.97
C LEU A 274 -1.29 2.64 8.83
N ILE A 275 -0.37 2.92 7.90
CA ILE A 275 0.07 1.92 6.91
C ILE A 275 1.51 1.53 7.26
N VAL A 276 1.69 0.24 7.50
CA VAL A 276 2.93 -0.29 8.11
C VAL A 276 3.31 -1.52 7.30
N THR A 277 4.27 -1.45 6.35
CA THR A 277 5.26 -0.42 6.18
C THR A 277 5.52 -0.14 4.69
N ASN A 278 6.25 0.95 4.48
CA ASN A 278 6.94 1.27 3.19
C ASN A 278 8.14 0.33 3.02
N THR A 279 8.89 0.55 1.95
CA THR A 279 10.15 -0.20 1.67
C THR A 279 11.21 0.15 2.71
N THR A 280 12.20 -0.71 2.81
CA THR A 280 13.34 -0.53 3.73
C THR A 280 14.58 -0.01 2.98
N VAL A 281 15.31 0.90 3.62
CA VAL A 281 16.65 1.34 3.15
C VAL A 281 17.72 0.45 3.79
N SER A 282 17.32 -0.49 4.63
CA SER A 282 18.24 -1.51 5.18
C SER A 282 18.50 -2.56 4.11
N ARG A 283 19.57 -3.34 4.30
CA ARG A 283 19.90 -4.47 3.43
C ARG A 283 20.14 -5.63 4.37
N PRO A 284 19.07 -6.38 4.72
CA PRO A 284 19.20 -7.51 5.64
C PRO A 284 20.35 -8.40 5.20
N ALA A 285 21.06 -8.96 6.18
CA ALA A 285 22.09 -9.97 5.90
C ALA A 285 21.42 -11.10 5.12
N GLY A 286 22.13 -11.65 4.14
CA GLY A 286 21.70 -12.83 3.39
C GLY A 286 21.13 -12.51 2.01
N LEU A 287 20.90 -11.25 1.63
CA LEU A 287 20.48 -10.98 0.24
C LEU A 287 21.52 -11.55 -0.71
N GLN A 288 21.05 -12.20 -1.76
CA GLN A 288 21.89 -12.89 -2.78
C GLN A 288 21.89 -12.14 -4.12
N GLY A 289 20.85 -11.38 -4.42
CA GLY A 289 20.75 -10.72 -5.72
C GLY A 289 22.00 -9.94 -6.05
N ALA A 290 22.42 -9.98 -7.31
CA ALA A 290 23.58 -9.18 -7.79
C ALA A 290 23.36 -7.69 -7.53
N LEU A 291 22.09 -7.24 -7.54
CA LEU A 291 21.75 -5.80 -7.47
C LEU A 291 21.41 -5.36 -6.05
N ARG A 292 21.82 -6.12 -5.03
CA ARG A 292 21.47 -5.85 -3.62
C ARG A 292 22.00 -4.49 -3.15
N SER A 293 23.07 -3.94 -3.75
CA SER A 293 23.72 -2.70 -3.28
C SER A 293 23.25 -1.49 -4.10
N GLU A 294 22.26 -1.67 -4.98
CA GLU A 294 21.58 -0.52 -5.63
C GLU A 294 20.92 0.36 -4.55
N THR A 295 21.01 1.68 -4.72
CA THR A 295 20.29 2.67 -3.87
C THR A 295 18.78 2.50 -4.08
N GLY A 296 18.02 2.52 -3.00
CA GLY A 296 16.56 2.56 -3.07
C GLY A 296 15.90 1.77 -1.96
N GLY A 297 14.59 1.66 -2.06
CA GLY A 297 13.80 0.90 -1.09
C GLY A 297 13.64 -0.55 -1.51
N LEU A 298 13.89 -1.45 -0.56
CA LEU A 298 13.78 -2.90 -0.74
C LEU A 298 12.40 -3.37 -0.29
N SER A 299 11.80 -4.20 -1.13
CA SER A 299 10.43 -4.75 -0.96
C SER A 299 10.46 -6.26 -1.10
N GLY A 300 9.34 -6.91 -0.76
CA GLY A 300 9.22 -8.35 -0.97
C GLY A 300 9.68 -9.14 0.24
N LYS A 301 10.10 -10.38 0.02
CA LYS A 301 10.26 -11.36 1.11
C LYS A 301 11.23 -10.88 2.18
N PRO A 302 12.37 -10.22 1.87
CA PRO A 302 13.29 -9.78 2.92
C PRO A 302 12.75 -8.68 3.84
N LEU A 303 11.68 -7.99 3.43
CA LEU A 303 11.00 -6.96 4.24
C LEU A 303 9.95 -7.60 5.17
N ARG A 304 9.48 -8.82 4.86
CA ARG A 304 8.22 -9.33 5.42
C ARG A 304 8.21 -9.23 6.96
N ASP A 305 9.19 -9.85 7.62
CA ASP A 305 9.11 -9.97 9.10
C ASP A 305 9.50 -8.66 9.76
N LEU A 306 10.36 -7.84 9.16
CA LEU A 306 10.61 -6.46 9.65
CA LEU A 306 10.60 -6.45 9.64
C LEU A 306 9.29 -5.68 9.67
N SER A 307 8.49 -5.78 8.60
CA SER A 307 7.15 -5.16 8.53
CA SER A 307 7.16 -5.14 8.54
C SER A 307 6.22 -5.70 9.62
N THR A 308 6.13 -7.02 9.74
CA THR A 308 5.23 -7.67 10.73
C THR A 308 5.59 -7.18 12.13
N GLN A 309 6.87 -7.10 12.42
CA GLN A 309 7.32 -6.68 13.78
C GLN A 309 6.96 -5.20 13.98
N THR A 310 7.01 -4.39 12.95
CA THR A 310 6.66 -2.95 13.08
C THR A 310 5.15 -2.82 13.34
N ILE A 311 4.33 -3.65 12.69
CA ILE A 311 2.87 -3.72 12.94
C ILE A 311 2.67 -4.05 14.41
N ARG A 312 3.36 -5.08 14.88
CA ARG A 312 3.18 -5.54 16.28
C ARG A 312 3.45 -4.38 17.22
N GLU A 313 4.57 -3.69 17.02
CA GLU A 313 4.99 -2.60 17.92
C GLU A 313 3.98 -1.45 17.84
N MET A 314 3.55 -1.05 16.65
CA MET A 314 2.62 0.11 16.51
C MET A 314 1.25 -0.26 17.11
N TYR A 315 0.78 -1.49 16.96
CA TYR A 315 -0.50 -1.93 17.53
C TYR A 315 -0.43 -1.82 19.05
N ALA A 316 0.67 -2.31 19.63
CA ALA A 316 0.86 -2.21 21.10
C ALA A 316 0.92 -0.75 21.55
N LEU A 317 1.71 0.10 20.89
CA LEU A 317 1.87 1.52 21.27
C LEU A 317 0.55 2.29 21.12
N THR A 318 -0.38 1.83 20.27
CA THR A 318 -1.67 2.54 20.05
C THR A 318 -2.81 1.80 20.78
N GLN A 319 -2.49 0.82 21.63
CA GLN A 319 -3.46 0.03 22.42
C GLN A 319 -4.52 -0.63 21.54
N GLY A 320 -4.19 -0.98 20.30
CA GLY A 320 -5.12 -1.64 19.38
C GLY A 320 -6.29 -0.74 18.97
N ARG A 321 -6.20 0.56 19.20
CA ARG A 321 -7.32 1.52 18.95
C ARG A 321 -7.15 2.18 17.59
N VAL A 322 -6.03 1.96 16.90
CA VAL A 322 -5.73 2.66 15.62
C VAL A 322 -5.61 1.60 14.53
N PRO A 323 -6.53 1.58 13.55
CA PRO A 323 -6.47 0.61 12.47
C PRO A 323 -5.13 0.67 11.73
N ILE A 324 -4.60 -0.51 11.43
CA ILE A 324 -3.31 -0.67 10.71
C ILE A 324 -3.59 -1.42 9.43
N ILE A 325 -3.05 -0.90 8.33
CA ILE A 325 -2.95 -1.64 7.05
C ILE A 325 -1.54 -2.18 6.99
N GLY A 326 -1.42 -3.49 6.99
CA GLY A 326 -0.14 -4.20 7.03
C GLY A 326 0.36 -4.48 5.64
N VAL A 327 1.63 -4.15 5.38
CA VAL A 327 2.22 -4.31 4.03
C VAL A 327 3.72 -4.52 4.16
N GLY A 328 4.22 -5.41 3.31
CA GLY A 328 5.64 -5.74 3.18
C GLY A 328 5.80 -7.24 3.13
N GLY A 329 6.11 -7.76 1.94
CA GLY A 329 6.42 -9.18 1.77
C GLY A 329 5.23 -10.12 1.94
N VAL A 330 4.00 -9.67 1.69
CA VAL A 330 2.84 -10.60 1.68
C VAL A 330 2.79 -11.34 0.35
N SER A 331 2.92 -12.67 0.38
CA SER A 331 2.91 -13.56 -0.81
CA SER A 331 2.78 -13.48 -0.86
CA SER A 331 2.82 -13.50 -0.84
C SER A 331 1.93 -14.73 -0.61
N SER A 332 1.40 -14.90 0.59
CA SER A 332 0.57 -16.09 0.89
C SER A 332 -0.45 -15.74 1.95
N GLY A 333 -1.43 -16.63 2.12
CA GLY A 333 -2.39 -16.51 3.21
C GLY A 333 -1.70 -16.52 4.56
N GLN A 334 -0.65 -17.34 4.75
CA GLN A 334 0.10 -17.33 6.03
C GLN A 334 0.67 -15.93 6.27
N ASP A 335 1.30 -15.33 5.28
CA ASP A 335 1.89 -13.99 5.43
C ASP A 335 0.80 -12.99 5.82
N ALA A 336 -0.36 -13.07 5.18
CA ALA A 336 -1.46 -12.12 5.44
C ALA A 336 -1.93 -12.33 6.88
N LEU A 337 -2.15 -13.59 7.27
CA LEU A 337 -2.68 -13.89 8.62
C LEU A 337 -1.65 -13.49 9.68
N GLU A 338 -0.36 -13.64 9.44
CA GLU A 338 0.64 -13.19 10.44
C GLU A 338 0.52 -11.70 10.69
N LYS A 339 0.32 -10.90 9.63
CA LYS A 339 0.17 -9.42 9.83
C LYS A 339 -1.16 -9.11 10.54
N ILE A 340 -2.22 -9.80 10.19
CA ILE A 340 -3.55 -9.63 10.86
C ILE A 340 -3.42 -9.96 12.34
N ARG A 341 -2.85 -11.11 12.69
CA ARG A 341 -2.73 -11.50 14.12
C ARG A 341 -1.79 -10.53 14.85
N ALA A 342 -0.83 -9.92 14.17
CA ALA A 342 0.08 -8.91 14.76
C ALA A 342 -0.64 -7.58 14.99
N GLY A 343 -1.77 -7.34 14.34
CA GLY A 343 -2.52 -6.09 14.55
C GLY A 343 -3.09 -5.45 13.30
N ALA A 344 -2.84 -5.99 12.10
CA ALA A 344 -3.41 -5.37 10.88
C ALA A 344 -4.89 -5.71 10.76
N SER A 345 -5.70 -4.71 10.40
CA SER A 345 -7.11 -4.88 10.00
C SER A 345 -7.22 -5.23 8.52
N LEU A 346 -6.27 -4.79 7.71
CA LEU A 346 -6.24 -4.99 6.25
C LEU A 346 -4.77 -5.25 5.90
N VAL A 347 -4.54 -5.83 4.74
CA VAL A 347 -3.14 -5.98 4.24
C VAL A 347 -3.10 -5.45 2.81
N GLN A 348 -1.89 -5.15 2.35
CA GLN A 348 -1.63 -4.85 0.94
C GLN A 348 -0.45 -5.70 0.45
N LEU A 349 -0.39 -5.88 -0.86
CA LEU A 349 0.80 -6.49 -1.46
C LEU A 349 1.09 -5.75 -2.76
N TYR A 350 2.34 -5.85 -3.18
CA TYR A 350 2.79 -5.30 -4.48
C TYR A 350 3.80 -6.28 -5.06
N THR A 351 4.93 -6.43 -4.39
CA THR A 351 6.07 -7.18 -4.96
C THR A 351 5.65 -8.61 -5.34
N ALA A 352 4.81 -9.29 -4.57
CA ALA A 352 4.32 -10.64 -4.93
C ALA A 352 3.63 -10.65 -6.30
N LEU A 353 2.88 -9.61 -6.65
CA LEU A 353 2.20 -9.53 -7.97
C LEU A 353 3.24 -9.57 -9.09
N THR A 354 4.42 -8.98 -8.87
CA THR A 354 5.46 -8.83 -9.90
C THR A 354 6.10 -10.19 -10.15
N PHE A 355 6.13 -11.06 -9.14
CA PHE A 355 6.74 -12.40 -9.26
C PHE A 355 5.72 -13.42 -9.74
N TRP A 356 4.58 -13.42 -9.10
CA TRP A 356 3.56 -14.43 -9.44
CA TRP A 356 3.53 -14.42 -9.39
C TRP A 356 2.35 -14.11 -10.38
N GLY A 357 2.26 -12.81 -10.66
CA GLY A 357 1.18 -12.26 -11.47
C GLY A 357 -0.17 -12.24 -10.77
N PRO A 358 -1.22 -11.82 -11.49
CA PRO A 358 -2.56 -11.65 -10.92
C PRO A 358 -3.12 -12.84 -10.16
N PRO A 359 -2.82 -14.12 -10.50
CA PRO A 359 -3.41 -15.22 -9.71
C PRO A 359 -3.00 -15.22 -8.23
N VAL A 360 -1.94 -14.50 -7.85
CA VAL A 360 -1.49 -14.44 -6.43
C VAL A 360 -2.60 -13.84 -5.57
N VAL A 361 -3.47 -12.98 -6.11
CA VAL A 361 -4.51 -12.34 -5.27
C VAL A 361 -5.51 -13.39 -4.78
N GLY A 362 -6.10 -14.17 -5.69
CA GLY A 362 -7.01 -15.28 -5.33
C GLY A 362 -6.31 -16.29 -4.43
N LYS A 363 -5.03 -16.53 -4.66
CA LYS A 363 -4.22 -17.50 -3.87
C LYS A 363 -4.19 -17.03 -2.42
N VAL A 364 -3.82 -15.77 -2.20
CA VAL A 364 -3.74 -15.21 -0.83
C VAL A 364 -5.11 -15.32 -0.17
N LYS A 365 -6.17 -14.89 -0.86
CA LYS A 365 -7.51 -14.92 -0.27
C LYS A 365 -7.92 -16.35 0.08
N ARG A 366 -7.73 -17.32 -0.81
CA ARG A 366 -8.12 -18.74 -0.58
C ARG A 366 -7.36 -19.30 0.61
N GLU A 367 -6.06 -19.06 0.66
CA GLU A 367 -5.20 -19.56 1.76
C GLU A 367 -5.60 -18.90 3.08
N LEU A 368 -5.87 -17.60 3.07
CA LEU A 368 -6.24 -16.87 4.31
C LEU A 368 -7.57 -17.44 4.83
N GLU A 369 -8.54 -17.65 3.95
CA GLU A 369 -9.85 -18.19 4.40
C GLU A 369 -9.62 -19.55 5.07
N ALA A 370 -8.81 -20.41 4.45
CA ALA A 370 -8.52 -21.79 4.96
C ALA A 370 -7.86 -21.72 6.33
N LEU A 371 -6.85 -20.85 6.49
CA LEU A 371 -6.11 -20.68 7.75
C LEU A 371 -7.03 -20.14 8.84
N LEU A 372 -7.92 -19.19 8.51
CA LEU A 372 -8.82 -18.60 9.54
C LEU A 372 -9.66 -19.74 10.13
N LYS A 373 -10.18 -20.61 9.27
CA LYS A 373 -11.03 -21.78 9.68
C LYS A 373 -10.18 -22.72 10.55
N GLU A 374 -8.96 -23.04 10.11
CA GLU A 374 -8.05 -23.98 10.81
C GLU A 374 -7.69 -23.44 12.20
N GLN A 375 -7.61 -22.12 12.39
CA GLN A 375 -7.14 -21.53 13.66
C GLN A 375 -8.35 -21.10 14.52
N GLY A 376 -9.57 -21.44 14.08
CA GLY A 376 -10.82 -21.27 14.85
C GLY A 376 -11.32 -19.83 14.88
N PHE A 377 -11.03 -19.04 13.84
CA PHE A 377 -11.54 -17.66 13.70
C PHE A 377 -12.80 -17.67 12.86
N GLY A 378 -13.84 -16.99 13.35
CA GLY A 378 -15.12 -16.82 12.62
C GLY A 378 -14.93 -15.97 11.37
N GLY A 379 -13.95 -15.07 11.38
CA GLY A 379 -13.63 -14.24 10.20
C GLY A 379 -12.37 -13.48 10.45
N VAL A 380 -11.96 -12.65 9.48
CA VAL A 380 -10.77 -11.78 9.61
C VAL A 380 -10.91 -10.98 10.89
N THR A 381 -12.09 -10.38 11.14
CA THR A 381 -12.24 -9.43 12.26
C THR A 381 -11.77 -10.07 13.57
N ASP A 382 -12.11 -11.34 13.76
CA ASP A 382 -11.82 -12.10 15.00
C ASP A 382 -10.32 -12.29 15.18
N ALA A 383 -9.55 -12.28 14.10
CA ALA A 383 -8.09 -12.55 14.08
C ALA A 383 -7.30 -11.27 14.32
N ILE A 384 -7.87 -10.08 14.08
CA ILE A 384 -7.09 -8.82 14.22
C ILE A 384 -6.50 -8.70 15.62
N GLY A 385 -5.16 -8.65 15.72
CA GLY A 385 -4.44 -8.48 16.98
C GLY A 385 -4.49 -9.70 17.89
N ALA A 386 -4.88 -10.88 17.40
CA ALA A 386 -5.03 -12.13 18.19
C ALA A 386 -3.72 -12.45 18.93
N ASP A 387 -2.54 -12.15 18.36
CA ASP A 387 -1.29 -12.58 19.04
C ASP A 387 -1.12 -11.81 20.36
N HIS A 388 -1.71 -10.62 20.47
CA HIS A 388 -1.53 -9.75 21.65
C HIS A 388 -2.40 -10.24 22.82
N ARG A 389 -3.34 -11.13 22.55
CA ARG A 389 -4.30 -11.65 23.56
C ARG A 389 -3.89 -13.06 24.03
N ARG A 390 -2.80 -13.62 23.50
CA ARG A 390 -2.24 -14.94 23.92
C ARG A 390 -1.62 -14.80 25.31
N1 FMN B . 4.79 3.32 -1.51
C2 FMN B . 4.23 4.56 -1.50
O2 FMN B . 3.69 4.95 -0.47
N3 FMN B . 4.23 5.37 -2.63
C4 FMN B . 4.82 5.06 -3.78
O4 FMN B . 4.73 5.80 -4.82
C4A FMN B . 5.43 3.71 -3.89
N5 FMN B . 6.10 3.31 -5.00
C5A FMN B . 6.57 2.02 -5.11
C6 FMN B . 7.13 1.50 -6.29
C7 FMN B . 7.65 0.24 -6.36
C7M FMN B . 8.23 -0.30 -7.66
C8 FMN B . 7.55 -0.61 -5.18
C8M FMN B . 8.06 -2.04 -5.22
C9 FMN B . 6.98 -0.14 -4.02
C9A FMN B . 6.49 1.15 -3.93
N10 FMN B . 5.94 1.64 -2.73
C10 FMN B . 5.37 2.88 -2.66
C1' FMN B . 5.86 0.80 -1.52
C2' FMN B . 4.76 -0.21 -1.49
O2' FMN B . 3.54 0.51 -1.39
C3' FMN B . 4.88 -1.14 -0.26
O3' FMN B . 4.81 -0.35 0.95
C4' FMN B . 6.19 -1.93 -0.24
O4' FMN B . 6.62 -2.25 -1.55
C5' FMN B . 6.05 -3.21 0.59
O5' FMN B . 5.13 -4.12 0.04
P FMN B . 5.53 -5.38 -0.84
O1P FMN B . 5.93 -4.82 -2.20
O2P FMN B . 4.27 -6.22 -0.92
O3P FMN B . 6.70 -6.06 -0.16
N1 ORO C . 7.99 5.91 -3.03
C2 ORO C . 7.64 5.28 -1.84
O2 ORO C . 6.92 5.78 -0.97
N3 ORO C . 8.24 4.05 -1.65
C4 ORO C . 9.08 3.41 -2.52
O4 ORO C . 9.60 2.33 -2.25
C5 ORO C . 9.39 4.14 -3.69
C6 ORO C . 8.77 5.31 -3.97
C7 ORO C . 9.27 6.09 -5.16
O71 ORO C . 8.50 6.73 -5.86
O72 ORO C . 10.50 5.99 -5.30
C1 EZO D . 7.97 -3.32 -10.53
C2 EZO D . 6.62 -3.22 -10.84
C3 EZO D . 6.07 -4.13 -11.70
C4 EZO D . 6.82 -5.16 -12.26
C5 EZO D . 8.17 -5.26 -11.98
C6 EZO D . 8.73 -4.34 -11.10
C7 EZO D . 9.07 -6.32 -12.55
C12 EZO D . 6.15 -6.11 -13.16
C15 EZO D . 3.01 -7.51 -13.63
O8 EZO D . 8.83 -6.87 -13.65
O9 EZO D . 10.15 -6.67 -11.90
N13 EZO D . 4.95 -6.40 -13.06
N14 EZO D . 4.33 -7.31 -13.86
N16 EZO D . 2.18 -8.03 -14.54
C17 EZO D . 0.87 -8.03 -14.14
C18 EZO D . 0.74 -7.46 -12.89
S19 EZO D . 2.22 -6.93 -12.23
C20 EZO D . -0.23 -8.46 -15.02
C21 EZO D . -0.23 -9.61 -15.77
C22 EZO D . -1.27 -9.94 -16.64
C23 EZO D . -2.30 -9.04 -16.77
C24 EZO D . -2.32 -7.86 -16.03
C25 EZO D . -1.28 -7.53 -15.19
CL1 EZO D . 1.07 -10.76 -15.56
C27 EZO D . 4.96 -7.69 -15.15
#